data_4V1J
#
_entry.id   4V1J
#
_cell.length_a   105.060
_cell.length_b   105.060
_cell.length_c   23.060
_cell.angle_alpha   90.00
_cell.angle_beta   90.00
_cell.angle_gamma   120.00
#
_symmetry.space_group_name_H-M   'P 6'
#
loop_
_entity.id
_entity.type
_entity.pdbx_description
1 polymer 'FIMBRIAL PROTEIN'
2 non-polymer 'CHLORIDE ION'
3 non-polymer 1,2-ETHANEDIOL
4 water water
#
_entity_poly.entity_id   1
_entity_poly.type   'polypeptide(L)'
_entity_poly.pdbx_seq_one_letter_code
;GPMQDYTARAQVSEAILLAEGQKSAVTEYYLNHGEWPGNNTSAGVATSSEIKGKYVKSVEVKNGVVTAQMASSNVNNEIK
GKKLSLWAKRQNGSVKWFCGQPVTRDKAKAANDDVTAAAAANGKKIDTKHLPSTCRDASDAS
;
_entity_poly.pdbx_strand_id   A
#
# COMPACT_ATOMS: atom_id res chain seq x y z
N GLY A 1 -13.05 -18.02 12.63
CA GLY A 1 -13.68 -19.03 11.71
C GLY A 1 -13.88 -18.47 10.32
N PRO A 2 -14.62 -19.18 9.45
CA PRO A 2 -14.73 -18.76 8.04
C PRO A 2 -15.51 -17.49 7.82
N MET A 3 -16.55 -17.19 8.62
CA MET A 3 -17.28 -15.92 8.44
C MET A 3 -16.41 -14.75 8.77
N GLN A 4 -15.60 -14.90 9.83
CA GLN A 4 -14.73 -13.81 10.23
C GLN A 4 -13.60 -13.61 9.21
N ASP A 5 -13.00 -14.67 8.77
CA ASP A 5 -11.92 -14.55 7.81
C ASP A 5 -12.44 -13.93 6.50
N TYR A 6 -13.64 -14.32 6.07
CA TYR A 6 -14.24 -13.70 4.88
C TYR A 6 -14.46 -12.20 5.04
N THR A 7 -15.06 -11.82 6.17
CA THR A 7 -15.35 -10.44 6.49
C THR A 7 -14.06 -9.63 6.39
N ALA A 8 -12.99 -10.10 7.04
CA ALA A 8 -11.74 -9.35 7.02
C ALA A 8 -11.17 -9.22 5.61
N ARG A 9 -11.14 -10.31 4.89
CA ARG A 9 -10.60 -10.33 3.54
C ARG A 9 -11.34 -9.34 2.62
N ALA A 10 -12.67 -9.29 2.78
CA ALA A 10 -13.49 -8.39 1.97
C ALA A 10 -13.20 -6.93 2.28
N GLN A 11 -12.99 -6.66 3.53
CA GLN A 11 -12.64 -5.33 3.98
C GLN A 11 -11.27 -4.90 3.41
N VAL A 12 -10.28 -5.78 3.52
CA VAL A 12 -8.95 -5.52 2.96
C VAL A 12 -9.00 -5.30 1.44
N SER A 13 -9.86 -6.00 0.75
CA SER A 13 -10.03 -5.78 -0.68
C SER A 13 -10.40 -4.33 -1.00
N GLU A 14 -11.17 -3.65 -0.15
CA GLU A 14 -11.48 -2.23 -0.38
C GLU A 14 -10.24 -1.34 -0.26
N ALA A 15 -9.36 -1.67 0.68
CA ALA A 15 -8.12 -0.92 0.85
C ALA A 15 -7.24 -1.06 -0.37
N ILE A 16 -7.22 -2.26 -0.93
CA ILE A 16 -6.43 -2.49 -2.11
C ILE A 16 -6.97 -1.66 -3.28
N LEU A 17 -8.29 -1.64 -3.44
CA LEU A 17 -8.90 -0.87 -4.53
CA LEU A 17 -8.91 -0.88 -4.53
C LEU A 17 -8.57 0.61 -4.43
N LEU A 18 -8.67 1.16 -3.23
CA LEU A 18 -8.38 2.57 -3.03
C LEU A 18 -6.89 2.88 -3.27
N ALA A 19 -6.03 2.00 -2.83
CA ALA A 19 -4.59 2.18 -3.06
C ALA A 19 -4.30 2.08 -4.56
N GLU A 20 -4.95 1.14 -5.25
CA GLU A 20 -4.73 0.97 -6.68
C GLU A 20 -5.11 2.21 -7.48
N GLY A 21 -6.05 3.00 -6.95
CA GLY A 21 -6.43 4.25 -7.61
C GLY A 21 -5.33 5.29 -7.69
N GLN A 22 -4.23 5.09 -6.95
CA GLN A 22 -3.14 6.03 -6.89
C GLN A 22 -1.97 5.60 -7.80
N LYS A 23 -2.03 4.40 -8.35
CA LYS A 23 -0.91 3.86 -9.13
CA LYS A 23 -0.93 3.86 -9.14
C LYS A 23 -0.54 4.75 -10.32
N SER A 24 -1.52 5.21 -11.08
CA SER A 24 -1.20 5.94 -12.31
C SER A 24 -0.47 7.26 -12.00
N ALA A 25 -0.91 7.94 -10.95
CA ALA A 25 -0.25 9.17 -10.51
C ALA A 25 1.16 8.95 -10.03
N VAL A 26 1.35 7.89 -9.24
CA VAL A 26 2.67 7.56 -8.75
C VAL A 26 3.63 7.22 -9.91
N THR A 27 3.18 6.40 -10.85
CA THR A 27 4.00 6.05 -11.99
C THR A 27 4.33 7.27 -12.85
N GLU A 28 3.32 8.10 -13.10
CA GLU A 28 3.56 9.31 -13.90
C GLU A 28 4.67 10.18 -13.26
N TYR A 29 4.61 10.35 -11.95
CA TYR A 29 5.60 11.15 -11.25
C TYR A 29 7.00 10.58 -11.51
N TYR A 30 7.12 9.27 -11.35
CA TYR A 30 8.39 8.60 -11.54
C TYR A 30 8.94 8.79 -12.95
N LEU A 31 8.06 8.66 -13.92
CA LEU A 31 8.48 8.85 -15.30
C LEU A 31 8.85 10.28 -15.61
N ASN A 32 8.18 11.21 -14.96
CA ASN A 32 8.46 12.62 -15.19
C ASN A 32 9.79 13.02 -14.58
N HIS A 33 10.15 12.44 -13.43
CA HIS A 33 11.23 12.99 -12.60
C HIS A 33 12.41 12.10 -12.40
N GLY A 34 12.28 10.82 -12.73
CA GLY A 34 13.37 9.87 -12.54
C GLY A 34 13.58 9.51 -11.08
N GLU A 35 12.54 9.71 -10.29
CA GLU A 35 12.56 9.38 -8.88
C GLU A 35 11.12 9.32 -8.38
N TRP A 36 10.90 8.65 -7.26
CA TRP A 36 9.55 8.46 -6.75
C TRP A 36 9.11 9.67 -5.96
N PRO A 37 7.79 9.88 -5.86
CA PRO A 37 7.27 11.03 -5.11
C PRO A 37 7.35 10.81 -3.60
N GLY A 38 7.84 11.82 -2.89
CA GLY A 38 8.02 11.73 -1.43
C GLY A 38 6.73 11.70 -0.64
N ASN A 39 5.68 12.28 -1.19
CA ASN A 39 4.45 12.53 -0.49
C ASN A 39 3.27 12.64 -1.47
N ASN A 40 2.05 12.60 -0.93
CA ASN A 40 0.83 12.59 -1.73
C ASN A 40 0.74 13.83 -2.67
N THR A 41 0.97 15.00 -2.08
CA THR A 41 0.79 16.24 -2.82
C THR A 41 1.75 16.33 -4.00
N SER A 42 3.00 15.93 -3.78
CA SER A 42 3.98 15.91 -4.86
CA SER A 42 3.98 15.92 -4.87
C SER A 42 3.53 15.01 -6.02
N ALA A 43 2.90 13.88 -5.66
CA ALA A 43 2.34 12.90 -6.61
C ALA A 43 1.07 13.41 -7.32
N GLY A 44 0.50 14.50 -6.83
CA GLY A 44 -0.73 15.01 -7.41
C GLY A 44 -1.98 14.24 -7.00
N VAL A 45 -1.92 13.56 -5.88
CA VAL A 45 -3.11 12.86 -5.38
C VAL A 45 -3.57 13.56 -4.11
N ALA A 46 -4.80 13.28 -3.72
CA ALA A 46 -5.39 13.89 -2.56
C ALA A 46 -4.61 13.58 -1.30
N THR A 47 -4.72 14.45 -0.31
CA THR A 47 -4.18 14.20 1.02
C THR A 47 -4.68 12.84 1.55
N SER A 48 -3.85 12.20 2.35
CA SER A 48 -4.08 10.81 2.67
C SER A 48 -5.42 10.53 3.35
N SER A 49 -5.84 11.44 4.24
CA SER A 49 -7.10 11.28 4.95
C SER A 49 -8.34 11.51 4.10
N GLU A 50 -8.18 12.02 2.88
CA GLU A 50 -9.28 12.14 1.93
C GLU A 50 -9.44 10.93 1.04
N ILE A 51 -8.45 10.03 1.08
CA ILE A 51 -8.51 8.80 0.31
C ILE A 51 -9.02 7.74 1.29
N LYS A 52 -10.36 7.64 1.37
CA LYS A 52 -11.04 6.87 2.39
C LYS A 52 -12.24 6.17 1.83
N GLY A 53 -12.72 5.21 2.61
CA GLY A 53 -13.91 4.46 2.26
C GLY A 53 -14.55 3.94 3.52
N LYS A 54 -15.51 3.03 3.34
CA LYS A 54 -16.26 2.46 4.45
C LYS A 54 -15.32 1.80 5.46
N TYR A 55 -14.29 1.13 4.95
CA TYR A 55 -13.37 0.36 5.78
C TYR A 55 -11.94 0.88 5.82
N VAL A 56 -11.70 1.97 5.13
CA VAL A 56 -10.33 2.48 4.91
C VAL A 56 -10.23 3.89 5.41
N LYS A 57 -9.22 4.12 6.26
CA LYS A 57 -9.03 5.41 6.89
C LYS A 57 -8.17 6.37 6.03
N SER A 58 -7.14 5.84 5.41
CA SER A 58 -6.22 6.68 4.67
C SER A 58 -5.39 5.89 3.70
N VAL A 59 -4.82 6.62 2.71
CA VAL A 59 -3.87 6.07 1.78
C VAL A 59 -2.74 7.10 1.62
N GLU A 60 -1.53 6.67 1.97
CA GLU A 60 -0.32 7.51 1.96
C GLU A 60 0.66 7.08 0.87
N VAL A 61 1.24 8.06 0.22
CA VAL A 61 2.30 7.85 -0.72
C VAL A 61 3.60 8.35 -0.06
N LYS A 62 4.59 7.47 0.04
CA LYS A 62 5.89 7.84 0.64
C LYS A 62 7.01 7.20 -0.19
N ASN A 63 7.80 8.03 -0.87
CA ASN A 63 8.80 7.54 -1.83
C ASN A 63 8.28 6.49 -2.77
N GLY A 64 7.09 6.74 -3.31
CA GLY A 64 6.51 5.84 -4.28
C GLY A 64 5.79 4.63 -3.73
N VAL A 65 5.88 4.40 -2.42
CA VAL A 65 5.18 3.28 -1.79
C VAL A 65 3.79 3.78 -1.38
N VAL A 66 2.76 3.04 -1.77
CA VAL A 66 1.40 3.43 -1.49
C VAL A 66 0.90 2.54 -0.34
N THR A 67 0.66 3.13 0.82
CA THR A 67 0.27 2.36 1.98
C THR A 67 -1.15 2.72 2.40
N ALA A 68 -2.00 1.68 2.53
CA ALA A 68 -3.39 1.84 2.97
C ALA A 68 -3.49 1.47 4.43
N GLN A 69 -4.28 2.23 5.15
CA GLN A 69 -4.57 2.02 6.55
C GLN A 69 -6.04 1.72 6.73
N MET A 70 -6.35 0.57 7.32
CA MET A 70 -7.72 0.21 7.63
C MET A 70 -8.31 1.13 8.69
N ALA A 71 -9.62 1.30 8.61
CA ALA A 71 -10.39 1.96 9.66
C ALA A 71 -10.41 1.10 10.91
N SER A 72 -11.00 1.62 11.98
CA SER A 72 -11.15 0.87 13.23
C SER A 72 -12.56 0.56 13.70
N SER A 73 -13.54 1.37 13.38
CA SER A 73 -14.84 1.20 14.03
C SER A 73 -15.72 0.07 13.44
N ASN A 74 -15.56 -0.20 12.15
CA ASN A 74 -16.45 -1.11 11.43
C ASN A 74 -15.68 -2.14 10.63
N VAL A 75 -14.49 -2.49 11.10
N VAL A 75 -14.63 -2.63 11.26
CA VAL A 75 -13.78 -3.60 10.50
CA VAL A 75 -13.63 -3.43 10.61
C VAL A 75 -13.50 -4.66 11.52
C VAL A 75 -13.32 -4.60 11.55
N ASN A 76 -13.04 -5.78 10.98
CA ASN A 76 -12.69 -6.96 11.77
C ASN A 76 -11.57 -6.66 12.76
N ASN A 77 -11.73 -7.13 13.99
CA ASN A 77 -10.74 -6.93 15.06
C ASN A 77 -9.31 -7.13 14.66
N GLU A 78 -9.07 -8.16 13.85
CA GLU A 78 -7.71 -8.56 13.52
CA GLU A 78 -7.72 -8.54 13.54
C GLU A 78 -7.05 -7.63 12.51
N ILE A 79 -7.84 -6.77 11.85
CA ILE A 79 -7.30 -5.84 10.86
C ILE A 79 -7.50 -4.38 11.24
N LYS A 80 -8.17 -4.08 12.35
CA LYS A 80 -8.40 -2.69 12.77
CA LYS A 80 -8.41 -2.70 12.75
C LYS A 80 -7.12 -1.89 12.74
N GLY A 81 -7.13 -0.79 11.99
CA GLY A 81 -5.98 0.09 11.95
C GLY A 81 -4.71 -0.44 11.31
N LYS A 82 -4.78 -1.62 10.70
CA LYS A 82 -3.57 -2.23 10.15
C LYS A 82 -3.35 -1.81 8.70
N LYS A 83 -2.17 -2.16 8.18
CA LYS A 83 -1.70 -1.60 6.92
C LYS A 83 -1.23 -2.67 5.91
N LEU A 84 -1.21 -2.27 4.63
CA LEU A 84 -0.59 -3.00 3.53
C LEU A 84 0.02 -1.95 2.59
N SER A 85 0.93 -2.38 1.75
CA SER A 85 1.57 -1.49 0.75
C SER A 85 1.48 -2.06 -0.63
N LEU A 86 1.47 -1.11 -1.57
CA LEU A 86 1.77 -1.34 -2.99
C LEU A 86 3.04 -0.62 -3.36
N TRP A 87 3.84 -1.21 -4.23
CA TRP A 87 5.04 -0.52 -4.72
C TRP A 87 5.35 -1.08 -6.10
N ALA A 88 6.09 -0.29 -6.88
CA ALA A 88 6.43 -0.66 -8.24
C ALA A 88 7.93 -0.69 -8.47
N LYS A 89 8.30 -1.47 -9.49
CA LYS A 89 9.67 -1.55 -9.96
C LYS A 89 9.71 -1.52 -11.48
N ARG A 90 10.62 -0.70 -11.99
CA ARG A 90 10.81 -0.59 -13.43
C ARG A 90 11.26 -1.91 -14.02
N GLN A 91 10.68 -2.25 -15.20
CA GLN A 91 11.08 -3.35 -16.03
C GLN A 91 11.84 -2.83 -17.35
N ASN A 92 11.84 -1.51 -17.61
N ASN A 92 11.87 -1.50 -17.57
CA ASN A 92 12.53 -0.83 -18.76
CA ASN A 92 12.46 -0.82 -18.75
C ASN A 92 11.80 -0.74 -20.16
C ASN A 92 11.34 -0.19 -19.62
N GLY A 93 10.49 -1.03 -20.17
CA GLY A 93 9.45 -0.50 -21.05
C GLY A 93 8.17 -0.19 -20.23
N SER A 94 8.11 -0.74 -19.01
CA SER A 94 6.96 -0.54 -18.13
C SER A 94 7.33 -0.90 -16.71
N VAL A 95 6.42 -0.67 -15.77
CA VAL A 95 6.62 -1.07 -14.38
C VAL A 95 5.76 -2.27 -14.05
N LYS A 96 6.19 -2.99 -13.02
CA LYS A 96 5.44 -4.08 -12.44
C LYS A 96 5.12 -3.68 -11.01
N TRP A 97 3.87 -3.93 -10.61
CA TRP A 97 3.40 -3.60 -9.28
C TRP A 97 3.43 -4.83 -8.39
N PHE A 98 3.65 -4.55 -7.11
CA PHE A 98 3.74 -5.54 -6.02
C PHE A 98 2.77 -5.07 -4.92
N CYS A 99 2.29 -6.01 -4.14
CA CYS A 99 1.34 -5.72 -3.08
C CYS A 99 1.59 -6.75 -1.96
N GLY A 100 1.65 -6.24 -0.74
CA GLY A 100 1.77 -7.11 0.40
C GLY A 100 1.86 -6.37 1.71
N GLN A 101 2.50 -6.96 2.69
CA GLN A 101 2.70 -6.32 3.96
C GLN A 101 3.53 -5.03 3.80
N PRO A 102 3.41 -4.10 4.77
CA PRO A 102 3.96 -2.78 4.55
C PRO A 102 5.47 -2.77 4.31
N VAL A 103 5.86 -1.86 3.43
CA VAL A 103 7.27 -1.62 3.10
C VAL A 103 7.57 -0.13 3.12
N THR A 104 8.86 0.17 3.09
N THR A 104 8.86 0.16 3.01
CA THR A 104 9.33 1.53 2.94
CA THR A 104 9.36 1.53 3.01
C THR A 104 10.43 1.58 1.91
C THR A 104 10.56 1.65 2.10
N ARG A 105 10.68 2.81 1.46
CA ARG A 105 11.78 3.10 0.57
C ARG A 105 12.53 4.30 1.18
N ASP A 106 13.80 4.11 1.49
CA ASP A 106 14.57 5.12 2.23
C ASP A 106 14.83 6.35 1.37
N LYS A 107 14.97 6.17 0.06
CA LYS A 107 15.31 7.30 -0.83
C LYS A 107 14.35 7.35 -2.00
N ALA A 108 14.08 8.55 -2.48
CA ALA A 108 13.27 8.71 -3.67
C ALA A 108 13.95 8.19 -4.94
N LYS A 109 15.28 8.20 -4.97
CA LYS A 109 16.05 7.64 -6.08
C LYS A 109 17.19 6.76 -5.55
N ALA A 111 16.78 2.37 -6.16
CA ALA A 111 18.10 1.69 -6.32
C ALA A 111 17.66 0.26 -6.64
N ASN A 112 17.61 -0.04 -7.94
CA ASN A 112 16.84 -1.19 -8.42
C ASN A 112 15.35 -1.09 -8.01
N ASP A 113 14.94 0.12 -7.59
CA ASP A 113 13.59 0.38 -7.02
C ASP A 113 13.29 -0.50 -5.78
N ASP A 114 14.35 -0.91 -5.09
CA ASP A 114 14.15 -1.81 -3.98
C ASP A 114 13.38 -1.10 -2.83
N VAL A 115 12.73 -1.94 -2.04
CA VAL A 115 12.05 -1.54 -0.80
C VAL A 115 12.49 -2.47 0.33
N THR A 116 12.19 -2.06 1.56
CA THR A 116 12.49 -2.88 2.73
CA THR A 116 12.54 -2.75 2.80
C THR A 116 11.25 -3.02 3.59
N ALA A 117 11.17 -4.14 4.32
CA ALA A 117 10.02 -4.34 5.20
C ALA A 117 9.93 -3.22 6.22
N ALA A 118 8.71 -2.74 6.46
CA ALA A 118 8.51 -1.63 7.36
C ALA A 118 8.97 -1.99 8.78
N ALA A 119 9.63 -1.06 9.45
CA ALA A 119 10.36 -1.31 10.71
C ALA A 119 9.78 -0.58 11.90
N ALA A 120 8.70 0.20 11.73
CA ALA A 120 8.07 0.89 12.88
C ALA A 120 7.76 -0.11 14.00
N ALA A 121 8.16 0.24 15.22
CA ALA A 121 7.99 -0.62 16.39
C ALA A 121 6.55 -0.62 16.84
N ASN A 122 6.07 -1.84 17.11
CA ASN A 122 4.69 -2.32 16.99
C ASN A 122 3.88 -2.10 15.63
N GLY A 123 4.00 -3.05 14.73
CA GLY A 123 4.01 -2.74 13.30
C GLY A 123 2.70 -2.66 12.57
N LYS A 124 1.66 -3.21 13.15
CA LYS A 124 0.32 -3.11 12.57
C LYS A 124 0.26 -3.56 11.11
N LYS A 125 0.88 -4.69 10.81
CA LYS A 125 0.85 -5.28 9.49
C LYS A 125 -0.37 -6.20 9.35
N ILE A 126 -1.16 -6.06 8.32
CA ILE A 126 -2.27 -7.00 8.10
C ILE A 126 -1.68 -8.41 8.00
N ASP A 127 -2.25 -9.35 8.74
CA ASP A 127 -1.77 -10.74 8.71
C ASP A 127 -1.89 -11.32 7.31
N THR A 128 -0.92 -12.17 6.94
CA THR A 128 -0.97 -12.83 5.65
C THR A 128 -2.31 -13.47 5.32
N LYS A 129 -2.92 -14.11 6.31
CA LYS A 129 -4.16 -14.82 6.02
C LYS A 129 -5.30 -13.91 5.57
N HIS A 130 -5.22 -12.62 5.91
CA HIS A 130 -6.24 -11.63 5.55
C HIS A 130 -5.92 -10.89 4.28
N LEU A 131 -4.74 -11.14 3.71
CA LEU A 131 -4.36 -10.55 2.44
C LEU A 131 -4.85 -11.45 1.30
N PRO A 132 -5.38 -10.84 0.21
CA PRO A 132 -5.70 -11.61 -1.00
C PRO A 132 -4.49 -12.30 -1.56
N SER A 133 -4.72 -13.37 -2.33
CA SER A 133 -3.68 -14.18 -2.93
C SER A 133 -2.80 -13.40 -3.86
N THR A 134 -3.32 -12.28 -4.38
CA THR A 134 -2.61 -11.38 -5.25
C THR A 134 -1.88 -10.26 -4.52
N CYS A 135 -1.91 -10.29 -3.19
CA CYS A 135 -1.27 -9.28 -2.36
C CYS A 135 -0.49 -9.88 -1.20
N ARG A 136 0.40 -10.81 -1.55
CA ARG A 136 1.23 -11.50 -0.54
C ARG A 136 2.71 -11.43 -0.89
N ASP A 137 3.10 -10.36 -1.60
CA ASP A 137 4.50 -10.21 -1.97
C ASP A 137 5.35 -9.86 -0.75
N ALA A 138 6.50 -10.51 -0.64
CA ALA A 138 7.51 -10.12 0.33
C ALA A 138 8.25 -8.88 -0.15
N SER A 139 8.94 -8.19 0.75
CA SER A 139 9.59 -6.94 0.38
C SER A 139 10.65 -7.16 -0.67
N ASP A 140 11.27 -8.32 -0.67
CA ASP A 140 12.31 -8.65 -1.63
C ASP A 140 11.85 -9.38 -2.88
N ALA A 141 10.53 -9.40 -3.14
CA ALA A 141 10.01 -10.02 -4.34
C ALA A 141 10.50 -9.30 -5.62
N SER A 142 10.60 -10.07 -6.70
CA SER A 142 10.91 -9.57 -8.05
C SER A 142 9.78 -10.01 -8.97
#